data_5KJM
#
_entry.id   5KJM
#
_cell.length_a   156.033
_cell.length_b   156.033
_cell.length_c   52.735
_cell.angle_alpha   90.00
_cell.angle_beta   90.00
_cell.angle_gamma   90.00
#
_symmetry.space_group_name_H-M   'I 4'
#
loop_
_entity.id
_entity.type
_entity.pdbx_description
1 polymer 'N-lysine methyltransferase SMYD2'
2 non-polymer S-ADENOSYLMETHIONINE
3 non-polymer 6-[2-[4-[2-(3,4-dichlorophenyl)ethyl]piperazin-1-yl]phenyl]-~{N}-(3-pyrrolidin-1-ylpropyl)-2~{H}-pyrazolo[3,4-b]pyridine-4-carboxamide
4 non-polymer 'ZINC ION'
5 water water
#
_entity_poly.entity_id   1
_entity_poly.type   'polypeptide(L)'
_entity_poly.pdbx_seq_one_letter_code
;GLGGLERFCSPGKGRGLRALQPFQVGDLLFSCPAYAYVLTVNERGNHCEYCFTRKEGLSKCGRCKQAFYCNVECQKEDWP
MHKLECSPMVVFGENWNPSETVRLTARILAKQKIHPERTPSEKLLAVKEFESHLDKLDNEKKDLIQSDIAALHHFYSKHL
EFPDNDSLVVLFAQVNCNGFTIEDEELSHLGSAIFPDVALMNHSCCPNVIVTYKGTLAEVRAVQEIKPGEEVFTSYIDLL
YPTEDRNDRLRDSYFFTCECQECTTKDKDKAKVEIRKLSDPPKAEAIRDMVRYARNVIEEFRRAKHYKSPSELLEICELS
QEKMSSVFEDSNVYMLHMMYQAMGVCLYMQDWEGALQYGQKIIKPYSKHYPLYSLNVASMWLKLGRLYMGLEHKAAGEKA
LKKAIAIMEVAHGKDHPYISEIKQEIESH
;
_entity_poly.pdbx_strand_id   A
#
# COMPACT_ATOMS: atom_id res chain seq x y z
N GLY A 1 -14.32 -12.94 19.54
CA GLY A 1 -13.15 -12.85 18.67
C GLY A 1 -13.24 -13.68 17.41
N LEU A 2 -12.07 -13.92 16.74
CA LEU A 2 -11.96 -14.71 15.49
C LEU A 2 -11.57 -16.17 15.76
N GLY A 3 -12.29 -17.10 15.13
CA GLY A 3 -12.02 -18.53 15.25
C GLY A 3 -10.63 -18.95 14.80
N GLY A 4 -9.95 -19.73 15.63
CA GLY A 4 -8.61 -20.25 15.39
C GLY A 4 -7.48 -19.28 15.66
N LEU A 5 -7.81 -18.13 16.23
CA LEU A 5 -6.86 -17.05 16.51
C LEU A 5 -7.17 -16.38 17.84
N GLU A 6 -6.22 -15.56 18.33
CA GLU A 6 -6.43 -14.78 19.56
C GLU A 6 -5.48 -13.61 19.68
N ARG A 7 -5.95 -12.58 20.37
CA ARG A 7 -5.15 -11.42 20.74
C ARG A 7 -4.31 -11.87 21.95
N PHE A 8 -3.04 -11.43 21.98
CA PHE A 8 -2.10 -11.74 23.06
C PHE A 8 -1.10 -10.60 23.22
N CYS A 9 -0.32 -10.64 24.31
CA CYS A 9 0.73 -9.68 24.57
C CYS A 9 2.02 -10.22 24.01
N SER A 10 2.47 -9.60 22.91
CA SER A 10 3.70 -9.98 22.24
C SER A 10 4.86 -9.26 22.94
N PRO A 11 5.78 -10.00 23.59
CA PRO A 11 6.88 -9.33 24.33
C PRO A 11 7.72 -8.39 23.47
N GLY A 12 7.73 -7.10 23.85
CA GLY A 12 8.44 -6.06 23.11
C GLY A 12 7.73 -5.60 21.85
N LYS A 13 6.48 -6.01 21.63
CA LYS A 13 5.70 -5.65 20.43
C LYS A 13 4.26 -5.30 20.77
N GLY A 14 3.99 -5.02 22.06
CA GLY A 14 2.66 -4.67 22.55
C GLY A 14 1.67 -5.80 22.33
N ARG A 15 0.50 -5.48 21.78
CA ARG A 15 -0.49 -6.53 21.51
C ARG A 15 -0.29 -7.08 20.10
N GLY A 16 -0.57 -8.36 19.93
CA GLY A 16 -0.45 -9.04 18.65
C GLY A 16 -1.51 -10.11 18.44
N LEU A 17 -1.44 -10.77 17.27
CA LEU A 17 -2.35 -11.84 16.88
C LEU A 17 -1.60 -13.17 16.87
N ARG A 18 -2.17 -14.18 17.56
CA ARG A 18 -1.60 -15.52 17.72
C ARG A 18 -2.52 -16.60 17.15
N ALA A 19 -1.94 -17.59 16.45
CA ALA A 19 -2.66 -18.73 15.89
C ALA A 19 -2.93 -19.78 16.96
N LEU A 20 -4.15 -20.35 16.95
CA LEU A 20 -4.56 -21.39 17.89
C LEU A 20 -4.77 -22.71 17.15
N GLN A 21 -4.52 -22.68 15.85
CA GLN A 21 -4.67 -23.83 14.96
C GLN A 21 -3.65 -23.71 13.82
N PRO A 22 -3.34 -24.81 13.10
CA PRO A 22 -2.45 -24.67 11.94
C PRO A 22 -3.13 -23.94 10.78
N PHE A 23 -2.33 -23.21 10.00
CA PHE A 23 -2.72 -22.55 8.76
C PHE A 23 -1.72 -22.95 7.69
N GLN A 24 -2.22 -23.39 6.54
CA GLN A 24 -1.36 -23.78 5.42
C GLN A 24 -1.26 -22.60 4.46
N VAL A 25 -0.20 -22.60 3.60
CA VAL A 25 0.02 -21.55 2.58
C VAL A 25 -1.28 -21.42 1.73
N GLY A 26 -1.77 -20.19 1.62
CA GLY A 26 -2.98 -19.86 0.86
C GLY A 26 -4.28 -19.93 1.66
N ASP A 27 -4.23 -20.37 2.92
CA ASP A 27 -5.44 -20.43 3.75
C ASP A 27 -5.82 -19.01 4.21
N LEU A 28 -7.12 -18.71 4.23
CA LEU A 28 -7.71 -17.48 4.72
C LEU A 28 -7.81 -17.59 6.25
N LEU A 29 -7.08 -16.73 6.97
CA LEU A 29 -7.11 -16.74 8.43
C LEU A 29 -8.38 -16.06 8.87
N PHE A 30 -8.67 -14.90 8.25
CA PHE A 30 -9.86 -14.09 8.53
C PHE A 30 -10.02 -12.98 7.52
N SER A 31 -11.23 -12.39 7.55
CA SER A 31 -11.66 -11.25 6.75
C SER A 31 -12.00 -10.15 7.71
N CYS A 32 -11.95 -8.89 7.28
CA CYS A 32 -12.32 -7.80 8.14
C CYS A 32 -12.99 -6.71 7.30
N PRO A 33 -14.32 -6.46 7.50
CA PRO A 33 -14.96 -5.37 6.75
C PRO A 33 -14.41 -4.01 7.19
N ALA A 34 -14.27 -3.06 6.26
CA ALA A 34 -13.78 -1.73 6.59
C ALA A 34 -14.65 -1.04 7.63
N TYR A 35 -13.99 -0.51 8.68
CA TYR A 35 -14.65 0.23 9.74
C TYR A 35 -15.03 1.60 9.13
N ALA A 36 -14.06 2.26 8.49
CA ALA A 36 -14.20 3.53 7.79
C ALA A 36 -13.30 3.40 6.57
N TYR A 37 -13.69 4.05 5.45
CA TYR A 37 -12.95 3.95 4.18
C TYR A 37 -13.27 5.11 3.27
N VAL A 38 -12.35 5.38 2.36
CA VAL A 38 -12.56 6.47 1.43
C VAL A 38 -11.94 6.12 0.08
N LEU A 39 -12.69 6.33 -1.02
CA LEU A 39 -12.19 6.14 -2.39
C LEU A 39 -11.29 7.37 -2.73
N THR A 40 -10.07 7.14 -3.25
CA THR A 40 -9.15 8.22 -3.61
C THR A 40 -9.78 9.09 -4.71
N VAL A 41 -9.54 10.41 -4.66
CA VAL A 41 -10.08 11.39 -5.61
C VAL A 41 -9.86 10.96 -7.08
N ASN A 42 -8.62 10.58 -7.46
CA ASN A 42 -8.30 10.22 -8.86
C ASN A 42 -8.95 8.93 -9.36
N GLU A 43 -9.60 8.18 -8.47
CA GLU A 43 -10.31 6.98 -8.85
C GLU A 43 -11.84 7.17 -8.94
N ARG A 44 -12.32 8.41 -8.71
CA ARG A 44 -13.75 8.75 -8.81
C ARG A 44 -14.19 8.57 -10.26
N GLY A 45 -15.29 7.84 -10.46
CA GLY A 45 -15.79 7.53 -11.79
C GLY A 45 -15.41 6.13 -12.27
N ASN A 46 -14.30 5.58 -11.73
CA ASN A 46 -13.75 4.27 -12.08
C ASN A 46 -14.26 3.17 -11.18
N HIS A 47 -14.47 3.47 -9.88
CA HIS A 47 -14.97 2.52 -8.88
C HIS A 47 -16.19 3.08 -8.17
N CYS A 48 -17.05 2.19 -7.68
CA CYS A 48 -18.19 2.61 -6.87
C CYS A 48 -17.65 3.11 -5.53
N GLU A 49 -18.17 4.24 -5.09
CA GLU A 49 -17.81 4.94 -3.87
C GLU A 49 -18.13 4.06 -2.63
N TYR A 50 -19.27 3.35 -2.68
CA TYR A 50 -19.74 2.50 -1.57
C TYR A 50 -19.05 1.11 -1.45
N CYS A 51 -19.00 0.33 -2.57
CA CYS A 51 -18.46 -1.02 -2.51
C CYS A 51 -17.10 -1.22 -3.22
N PHE A 52 -16.57 -0.20 -3.92
CA PHE A 52 -15.27 -0.25 -4.63
C PHE A 52 -15.24 -1.18 -5.86
N THR A 53 -16.41 -1.51 -6.41
CA THR A 53 -16.54 -2.32 -7.65
C THR A 53 -16.00 -1.50 -8.81
N ARG A 54 -15.08 -2.08 -9.60
CA ARG A 54 -14.52 -1.44 -10.78
C ARG A 54 -15.43 -1.85 -11.94
N LYS A 55 -16.19 -0.89 -12.47
CA LYS A 55 -17.21 -1.10 -13.51
C LYS A 55 -17.27 0.11 -14.44
N GLU A 56 -17.74 -0.10 -15.68
CA GLU A 56 -18.05 0.99 -16.61
C GLU A 56 -19.54 1.30 -16.33
N GLY A 57 -19.97 2.52 -16.68
CA GLY A 57 -21.36 2.96 -16.52
C GLY A 57 -21.85 3.12 -15.09
N LEU A 58 -21.05 3.78 -14.23
CA LEU A 58 -21.45 4.06 -12.86
C LEU A 58 -22.34 5.32 -12.85
N SER A 59 -23.36 5.33 -11.98
CA SER A 59 -24.29 6.44 -11.75
C SER A 59 -23.60 7.57 -10.95
N LYS A 60 -23.69 8.81 -11.46
CA LYS A 60 -23.10 10.02 -10.90
C LYS A 60 -24.06 10.62 -9.85
N CYS A 61 -23.54 11.11 -8.69
CA CYS A 61 -24.39 11.79 -7.69
C CYS A 61 -24.80 13.12 -8.33
N GLY A 62 -26.11 13.31 -8.50
CA GLY A 62 -26.68 14.48 -9.15
C GLY A 62 -26.39 15.80 -8.46
N ARG A 63 -26.18 15.77 -7.14
CA ARG A 63 -25.94 16.96 -6.33
C ARG A 63 -24.54 17.52 -6.51
N CYS A 64 -23.51 16.70 -6.22
CA CYS A 64 -22.10 17.09 -6.29
C CYS A 64 -21.43 16.77 -7.64
N LYS A 65 -21.90 15.71 -8.34
CA LYS A 65 -21.36 15.21 -9.62
C LYS A 65 -19.91 14.68 -9.46
N GLN A 66 -19.53 14.36 -8.21
CA GLN A 66 -18.19 13.92 -7.88
C GLN A 66 -18.16 12.68 -6.96
N ALA A 67 -19.20 11.84 -7.09
CA ALA A 67 -19.38 10.56 -6.40
C ALA A 67 -20.07 9.62 -7.38
N PHE A 68 -19.52 8.43 -7.59
CA PHE A 68 -20.08 7.49 -8.56
C PHE A 68 -20.45 6.17 -7.89
N TYR A 69 -21.61 5.61 -8.28
CA TYR A 69 -22.20 4.42 -7.66
C TYR A 69 -22.68 3.37 -8.66
N CYS A 70 -22.73 2.09 -8.21
CA CYS A 70 -23.23 0.95 -9.01
C CYS A 70 -24.67 1.20 -9.42
N ASN A 71 -25.48 1.63 -8.43
CA ASN A 71 -26.91 1.87 -8.55
C ASN A 71 -27.36 2.79 -7.40
N VAL A 72 -28.68 2.95 -7.24
CA VAL A 72 -29.36 3.75 -6.22
C VAL A 72 -29.14 3.18 -4.81
N GLU A 73 -28.94 1.85 -4.68
CA GLU A 73 -28.72 1.19 -3.39
C GLU A 73 -27.34 1.54 -2.84
N CYS A 74 -26.28 1.40 -3.67
CA CYS A 74 -24.91 1.76 -3.29
C CYS A 74 -24.88 3.27 -2.91
N GLN A 75 -25.62 4.11 -3.65
CA GLN A 75 -25.75 5.54 -3.41
C GLN A 75 -26.37 5.85 -2.02
N LYS A 76 -27.55 5.25 -1.69
CA LYS A 76 -28.23 5.44 -0.40
C LYS A 76 -27.39 4.91 0.77
N GLU A 77 -26.72 3.75 0.59
CA GLU A 77 -25.90 3.15 1.63
C GLU A 77 -24.66 4.01 1.96
N ASP A 78 -24.11 4.74 0.96
CA ASP A 78 -22.94 5.59 1.15
C ASP A 78 -23.26 6.98 1.67
N TRP A 79 -24.53 7.42 1.59
CA TRP A 79 -24.99 8.74 2.01
C TRP A 79 -24.59 9.13 3.45
N PRO A 80 -24.73 8.28 4.51
CA PRO A 80 -24.24 8.71 5.85
C PRO A 80 -22.80 9.21 5.86
N MET A 81 -21.95 8.67 4.95
CA MET A 81 -20.53 9.07 4.79
C MET A 81 -20.35 10.14 3.72
N HIS A 82 -20.99 9.97 2.55
CA HIS A 82 -20.95 10.93 1.45
C HIS A 82 -21.47 12.35 1.80
N LYS A 83 -22.46 12.43 2.71
CA LYS A 83 -23.09 13.64 3.24
C LYS A 83 -22.03 14.65 3.82
N LEU A 84 -20.91 14.14 4.34
CA LEU A 84 -19.78 14.92 4.87
C LEU A 84 -19.06 15.76 3.80
N GLU A 85 -19.10 15.31 2.52
CA GLU A 85 -18.40 15.89 1.39
C GLU A 85 -19.26 16.44 0.24
N CYS A 86 -20.48 15.91 0.04
CA CYS A 86 -21.38 16.27 -1.07
C CYS A 86 -21.57 17.80 -1.25
N SER A 87 -22.35 18.44 -0.36
CA SER A 87 -22.54 19.90 -0.42
C SER A 87 -21.19 20.63 -0.21
N PRO A 88 -20.32 20.27 0.79
CA PRO A 88 -19.05 20.99 0.93
C PRO A 88 -18.20 21.10 -0.34
N MET A 89 -18.14 20.03 -1.17
CA MET A 89 -17.40 20.04 -2.44
C MET A 89 -17.89 21.10 -3.40
N VAL A 90 -19.21 21.32 -3.50
CA VAL A 90 -19.74 22.30 -4.44
C VAL A 90 -19.62 23.73 -3.86
N VAL A 91 -19.83 23.89 -2.54
CA VAL A 91 -19.75 25.18 -1.86
C VAL A 91 -18.29 25.72 -1.80
N PHE A 92 -17.31 24.88 -1.40
CA PHE A 92 -15.90 25.26 -1.36
C PHE A 92 -15.33 25.32 -2.80
N GLY A 93 -15.92 24.55 -3.71
CA GLY A 93 -15.54 24.49 -5.13
C GLY A 93 -14.12 24.06 -5.35
N GLU A 94 -13.33 24.94 -5.98
CA GLU A 94 -11.92 24.72 -6.30
C GLU A 94 -11.07 24.68 -5.01
N ASN A 95 -11.54 25.39 -3.96
CA ASN A 95 -10.89 25.44 -2.65
C ASN A 95 -11.06 24.15 -1.80
N TRP A 96 -11.84 23.16 -2.28
CA TRP A 96 -12.02 21.90 -1.56
C TRP A 96 -10.82 20.98 -1.82
N ASN A 97 -9.92 20.87 -0.84
CA ASN A 97 -8.72 20.02 -1.01
C ASN A 97 -8.24 19.31 0.29
N PRO A 98 -9.10 18.75 1.18
CA PRO A 98 -8.56 18.09 2.38
C PRO A 98 -7.75 16.84 1.99
N SER A 99 -6.66 16.54 2.73
CA SER A 99 -5.85 15.35 2.44
C SER A 99 -6.68 14.07 2.68
N GLU A 100 -6.29 12.96 2.03
CA GLU A 100 -6.97 11.67 2.17
C GLU A 100 -7.07 11.24 3.65
N THR A 101 -6.02 11.54 4.44
CA THR A 101 -5.97 11.28 5.89
C THR A 101 -7.10 12.01 6.62
N VAL A 102 -7.32 13.28 6.26
CA VAL A 102 -8.38 14.13 6.81
C VAL A 102 -9.77 13.56 6.40
N ARG A 103 -9.95 13.21 5.09
CA ARG A 103 -11.19 12.62 4.56
C ARG A 103 -11.52 11.34 5.37
N LEU A 104 -10.52 10.48 5.61
CA LEU A 104 -10.73 9.25 6.40
C LEU A 104 -11.08 9.53 7.88
N THR A 105 -10.33 10.43 8.53
CA THR A 105 -10.54 10.76 9.95
C THR A 105 -11.94 11.32 10.20
N ALA A 106 -12.47 12.10 9.24
CA ALA A 106 -13.83 12.65 9.30
C ALA A 106 -14.85 11.51 9.36
N ARG A 107 -14.64 10.47 8.55
CA ARG A 107 -15.53 9.30 8.50
C ARG A 107 -15.46 8.45 9.77
N ILE A 108 -14.27 8.37 10.39
CA ILE A 108 -14.09 7.69 11.69
C ILE A 108 -14.96 8.45 12.74
N LEU A 109 -14.82 9.78 12.80
CA LEU A 109 -15.60 10.59 13.75
C LEU A 109 -17.10 10.40 13.52
N ALA A 110 -17.54 10.42 12.24
CA ALA A 110 -18.93 10.21 11.82
C ALA A 110 -19.39 8.81 12.23
N LYS A 111 -18.55 7.77 12.01
CA LYS A 111 -18.87 6.40 12.43
C LYS A 111 -19.00 6.30 13.96
N GLN A 112 -18.14 6.98 14.73
CA GLN A 112 -18.20 6.96 16.20
C GLN A 112 -19.48 7.56 16.74
N LYS A 113 -20.03 8.57 16.04
CA LYS A 113 -21.28 9.22 16.42
C LYS A 113 -22.48 8.33 16.08
N ILE A 114 -22.48 7.74 14.90
CA ILE A 114 -23.58 6.89 14.42
C ILE A 114 -23.60 5.54 15.13
N HIS A 115 -22.42 4.92 15.27
CA HIS A 115 -22.28 3.58 15.81
C HIS A 115 -21.26 3.59 16.94
N PRO A 116 -21.61 4.09 18.15
CA PRO A 116 -20.61 4.12 19.24
C PRO A 116 -20.19 2.74 19.73
N GLU A 117 -21.07 1.72 19.61
CA GLU A 117 -20.79 0.35 20.04
C GLU A 117 -19.73 -0.34 19.16
N ARG A 118 -19.13 -1.41 19.69
CA ARG A 118 -18.14 -2.24 19.02
C ARG A 118 -18.77 -2.80 17.73
N THR A 119 -18.04 -2.70 16.61
CA THR A 119 -18.50 -3.12 15.27
C THR A 119 -17.98 -4.55 14.93
N PRO A 120 -18.49 -5.22 13.85
CA PRO A 120 -17.94 -6.53 13.45
C PRO A 120 -16.47 -6.50 12.98
N SER A 121 -15.94 -5.29 12.76
CA SER A 121 -14.55 -5.03 12.32
C SER A 121 -13.61 -4.93 13.53
N GLU A 122 -14.19 -4.92 14.73
CA GLU A 122 -13.47 -4.76 16.00
C GLU A 122 -13.65 -5.98 16.92
N LYS A 123 -13.59 -7.20 16.37
CA LYS A 123 -13.75 -8.41 17.20
C LYS A 123 -12.59 -8.59 18.19
N LEU A 124 -11.38 -8.14 17.85
CA LEU A 124 -10.17 -8.27 18.68
C LEU A 124 -9.50 -6.95 19.08
N LEU A 125 -9.51 -5.95 18.21
CA LEU A 125 -8.91 -4.65 18.49
C LEU A 125 -9.93 -3.59 18.14
N ALA A 126 -10.18 -2.68 19.06
CA ALA A 126 -11.11 -1.57 18.87
C ALA A 126 -10.34 -0.31 18.44
N VAL A 127 -10.98 0.54 17.63
CA VAL A 127 -10.46 1.83 17.13
C VAL A 127 -9.99 2.70 18.29
N LYS A 128 -10.79 2.78 19.38
CA LYS A 128 -10.46 3.58 20.58
C LYS A 128 -9.19 3.10 21.31
N GLU A 129 -8.85 1.78 21.19
CA GLU A 129 -7.68 1.13 21.82
C GLU A 129 -6.40 1.27 20.97
N PHE A 130 -6.49 1.86 19.76
CA PHE A 130 -5.33 1.94 18.85
C PHE A 130 -4.09 2.57 19.48
N GLU A 131 -2.90 2.07 19.12
CA GLU A 131 -1.66 2.68 19.56
C GLU A 131 -1.48 3.99 18.78
N SER A 132 -1.04 5.07 19.47
CA SER A 132 -0.88 6.36 18.84
C SER A 132 0.56 6.82 18.71
N HIS A 133 1.44 6.42 19.66
CA HIS A 133 2.83 6.89 19.83
C HIS A 133 2.87 8.39 20.06
N LEU A 134 1.81 8.94 20.70
CA LEU A 134 1.65 10.35 21.04
C LEU A 134 2.93 10.89 21.70
N ASP A 135 3.45 10.18 22.72
CA ASP A 135 4.64 10.57 23.48
C ASP A 135 5.95 10.63 22.65
N LYS A 136 5.98 9.96 21.48
CA LYS A 136 7.14 9.87 20.58
C LYS A 136 7.22 10.97 19.51
N LEU A 137 6.09 11.66 19.27
CA LEU A 137 5.92 12.71 18.27
C LEU A 137 6.94 13.84 18.39
N ASP A 138 7.67 14.13 17.30
CA ASP A 138 8.63 15.24 17.31
C ASP A 138 7.89 16.52 16.83
N ASN A 139 8.61 17.65 16.71
CA ASN A 139 8.03 18.92 16.27
C ASN A 139 7.48 18.86 14.84
N GLU A 140 8.22 18.18 13.94
CA GLU A 140 7.83 18.02 12.54
C GLU A 140 6.49 17.25 12.39
N LYS A 141 6.30 16.18 13.18
CA LYS A 141 5.10 15.35 13.16
C LYS A 141 3.90 16.03 13.80
N LYS A 142 4.12 16.69 14.94
CA LYS A 142 3.10 17.46 15.65
C LYS A 142 2.57 18.60 14.74
N ASP A 143 3.47 19.19 13.91
CA ASP A 143 3.12 20.26 12.97
C ASP A 143 2.25 19.71 11.84
N LEU A 144 2.57 18.50 11.38
CA LEU A 144 1.83 17.83 10.34
C LEU A 144 0.43 17.51 10.84
N ILE A 145 0.33 16.95 12.06
CA ILE A 145 -0.94 16.60 12.69
C ILE A 145 -1.79 17.88 12.89
N GLN A 146 -1.16 18.99 13.31
CA GLN A 146 -1.86 20.27 13.49
C GLN A 146 -2.41 20.80 12.17
N SER A 147 -1.68 20.60 11.06
CA SER A 147 -2.16 20.97 9.72
C SER A 147 -3.39 20.13 9.35
N ASP A 148 -3.41 18.82 9.72
CA ASP A 148 -4.54 17.92 9.49
C ASP A 148 -5.77 18.33 10.34
N ILE A 149 -5.53 18.68 11.62
CA ILE A 149 -6.58 19.16 12.54
C ILE A 149 -7.23 20.44 12.01
N ALA A 150 -6.40 21.38 11.51
CA ALA A 150 -6.93 22.63 10.96
C ALA A 150 -7.77 22.36 9.71
N ALA A 151 -7.35 21.39 8.86
CA ALA A 151 -8.13 21.04 7.67
C ALA A 151 -9.44 20.31 8.02
N LEU A 152 -9.44 19.54 9.11
CA LEU A 152 -10.60 18.79 9.58
C LEU A 152 -11.70 19.77 10.03
N HIS A 153 -11.31 20.80 10.82
CA HIS A 153 -12.20 21.87 11.27
C HIS A 153 -12.67 22.71 10.08
N HIS A 154 -11.75 23.02 9.15
CA HIS A 154 -12.00 23.85 7.96
C HIS A 154 -13.04 23.24 7.01
N PHE A 155 -12.98 21.93 6.75
CA PHE A 155 -13.87 21.30 5.79
C PHE A 155 -15.01 20.43 6.36
N TYR A 156 -14.94 20.00 7.63
CA TYR A 156 -15.92 19.03 8.14
C TYR A 156 -16.65 19.46 9.43
N SER A 157 -16.82 20.75 9.65
CA SER A 157 -17.50 21.28 10.84
C SER A 157 -19.05 21.19 10.79
N LYS A 158 -19.62 20.94 9.59
CA LYS A 158 -21.07 20.88 9.38
C LYS A 158 -21.80 19.83 10.20
N HIS A 159 -21.33 18.58 10.17
CA HIS A 159 -22.00 17.44 10.82
C HIS A 159 -21.30 16.88 12.03
N LEU A 160 -20.05 17.25 12.21
CA LEU A 160 -19.19 16.71 13.27
C LEU A 160 -19.04 17.61 14.48
N GLU A 161 -19.13 17.01 15.68
CA GLU A 161 -18.91 17.70 16.96
C GLU A 161 -17.53 17.25 17.36
N PHE A 162 -16.57 18.14 17.29
CA PHE A 162 -15.19 17.76 17.56
C PHE A 162 -14.78 17.68 19.02
N PRO A 163 -13.91 16.69 19.39
CA PRO A 163 -13.37 16.70 20.76
C PRO A 163 -12.25 17.77 20.81
N ASP A 164 -11.63 17.99 22.00
CA ASP A 164 -10.54 18.97 22.12
C ASP A 164 -9.32 18.60 21.24
N ASN A 165 -8.40 19.58 21.04
CA ASN A 165 -7.20 19.42 20.21
C ASN A 165 -6.36 18.21 20.61
N ASP A 166 -6.22 17.95 21.93
CA ASP A 166 -5.45 16.82 22.44
C ASP A 166 -6.01 15.47 22.00
N SER A 167 -7.35 15.34 21.97
CA SER A 167 -8.02 14.10 21.57
C SER A 167 -7.86 13.87 20.07
N LEU A 168 -7.77 14.96 19.29
CA LEU A 168 -7.58 14.95 17.84
C LEU A 168 -6.13 14.66 17.46
N VAL A 169 -5.12 15.08 18.28
CA VAL A 169 -3.74 14.73 17.92
C VAL A 169 -3.57 13.22 18.18
N VAL A 170 -4.18 12.68 19.27
CA VAL A 170 -4.23 11.24 19.58
C VAL A 170 -4.91 10.50 18.41
N LEU A 171 -6.06 11.01 17.92
CA LEU A 171 -6.77 10.34 16.82
C LEU A 171 -5.94 10.29 15.52
N PHE A 172 -5.39 11.41 15.08
CA PHE A 172 -4.58 11.47 13.87
C PHE A 172 -3.31 10.60 13.97
N ALA A 173 -2.72 10.50 15.17
CA ALA A 173 -1.52 9.68 15.37
C ALA A 173 -1.91 8.18 15.31
N GLN A 174 -3.12 7.82 15.79
CA GLN A 174 -3.67 6.45 15.72
C GLN A 174 -3.92 6.04 14.27
N VAL A 175 -4.44 6.97 13.45
CA VAL A 175 -4.74 6.80 12.03
C VAL A 175 -3.42 6.61 11.27
N ASN A 176 -2.38 7.40 11.61
CA ASN A 176 -1.05 7.21 11.00
C ASN A 176 -0.46 5.82 11.30
N CYS A 177 -0.63 5.36 12.55
CA CYS A 177 -0.11 4.09 13.05
C CYS A 177 -0.90 2.90 12.55
N ASN A 178 -2.22 3.07 12.33
CA ASN A 178 -3.06 1.92 12.03
C ASN A 178 -3.82 1.91 10.69
N GLY A 179 -3.79 3.02 9.95
CA GLY A 179 -4.49 3.14 8.67
C GLY A 179 -3.92 2.32 7.54
N PHE A 180 -4.76 1.89 6.61
CA PHE A 180 -4.35 1.10 5.45
C PHE A 180 -4.67 1.82 4.15
N THR A 181 -3.81 1.66 3.15
CA THR A 181 -4.15 2.12 1.80
C THR A 181 -4.65 0.88 1.10
N ILE A 182 -5.60 1.02 0.19
CA ILE A 182 -6.11 -0.10 -0.60
C ILE A 182 -5.52 0.11 -2.03
N GLU A 183 -4.93 -0.93 -2.58
CA GLU A 183 -4.29 -0.98 -3.89
C GLU A 183 -5.02 -1.98 -4.75
N ASP A 184 -4.95 -1.81 -6.07
CA ASP A 184 -5.56 -2.78 -6.97
C ASP A 184 -4.55 -3.90 -7.33
N GLU A 185 -4.90 -4.76 -8.32
CA GLU A 185 -4.07 -5.88 -8.77
C GLU A 185 -2.69 -5.43 -9.33
N GLU A 186 -2.59 -4.17 -9.72
CA GLU A 186 -1.35 -3.58 -10.21
C GLU A 186 -0.66 -2.76 -9.13
N LEU A 187 -1.18 -2.79 -7.88
CA LEU A 187 -0.67 -2.03 -6.73
C LEU A 187 -0.86 -0.50 -6.93
N SER A 188 -1.87 -0.15 -7.76
CA SER A 188 -2.21 1.24 -7.97
C SER A 188 -3.17 1.66 -6.83
N HIS A 189 -2.97 2.86 -6.27
CA HIS A 189 -3.73 3.42 -5.15
C HIS A 189 -5.22 3.62 -5.43
N LEU A 190 -6.07 2.98 -4.62
CA LEU A 190 -7.53 3.10 -4.75
C LEU A 190 -8.16 3.94 -3.66
N GLY A 191 -7.61 3.87 -2.47
CA GLY A 191 -8.16 4.61 -1.34
C GLY A 191 -7.49 4.25 -0.03
N SER A 192 -8.11 4.71 1.07
CA SER A 192 -7.61 4.54 2.42
C SER A 192 -8.71 4.02 3.33
N ALA A 193 -8.35 3.21 4.33
CA ALA A 193 -9.34 2.60 5.20
C ALA A 193 -8.82 2.21 6.58
N ILE A 194 -9.78 1.91 7.47
CA ILE A 194 -9.55 1.44 8.83
C ILE A 194 -10.04 -0.01 8.92
N PHE A 195 -9.12 -0.92 9.27
CA PHE A 195 -9.37 -2.35 9.43
C PHE A 195 -8.83 -2.73 10.82
N PRO A 196 -9.64 -2.50 11.88
CA PRO A 196 -9.13 -2.65 13.26
C PRO A 196 -8.51 -3.99 13.60
N ASP A 197 -9.17 -5.10 13.28
CA ASP A 197 -8.64 -6.44 13.55
C ASP A 197 -7.40 -6.73 12.71
N VAL A 198 -7.31 -6.15 11.51
CA VAL A 198 -6.12 -6.32 10.66
C VAL A 198 -4.95 -5.50 11.25
N ALA A 199 -5.25 -4.36 11.89
CA ALA A 199 -4.23 -3.52 12.54
C ALA A 199 -3.65 -4.17 13.81
N LEU A 200 -4.25 -5.27 14.30
CA LEU A 200 -3.72 -5.99 15.45
C LEU A 200 -2.40 -6.69 15.13
N MET A 201 -2.21 -7.09 13.86
CA MET A 201 -0.99 -7.83 13.46
C MET A 201 0.25 -6.97 13.45
N ASN A 202 1.32 -7.50 14.05
CA ASN A 202 2.64 -6.90 14.11
C ASN A 202 3.44 -7.13 12.82
N HIS A 203 4.56 -6.40 12.68
CA HIS A 203 5.40 -6.45 11.49
C HIS A 203 6.53 -7.47 11.53
N SER A 204 6.83 -8.00 10.34
CA SER A 204 8.01 -8.82 10.07
C SER A 204 8.45 -8.58 8.64
N CYS A 205 9.76 -8.60 8.40
CA CYS A 205 10.32 -8.51 7.06
C CYS A 205 10.28 -9.86 6.36
N CYS A 206 9.98 -10.94 7.10
CA CYS A 206 9.69 -12.26 6.54
C CYS A 206 8.30 -12.62 7.05
N PRO A 207 7.24 -11.97 6.49
CA PRO A 207 5.89 -12.20 7.02
C PRO A 207 5.33 -13.59 6.75
N ASN A 208 4.37 -14.02 7.57
CA ASN A 208 3.76 -15.34 7.33
C ASN A 208 2.36 -15.17 6.74
N VAL A 209 1.90 -13.91 6.60
CA VAL A 209 0.59 -13.55 6.01
C VAL A 209 0.73 -12.36 5.07
N ILE A 210 -0.26 -12.23 4.16
CA ILE A 210 -0.39 -11.10 3.25
C ILE A 210 -1.83 -10.59 3.32
N VAL A 211 -1.98 -9.27 3.31
CA VAL A 211 -3.28 -8.60 3.26
C VAL A 211 -3.61 -8.25 1.80
N THR A 212 -4.82 -8.61 1.35
CA THR A 212 -5.36 -8.24 0.05
C THR A 212 -6.76 -7.65 0.27
N TYR A 213 -7.34 -7.07 -0.77
CA TYR A 213 -8.65 -6.46 -0.71
C TYR A 213 -9.60 -7.00 -1.74
N LYS A 214 -10.84 -7.25 -1.32
CA LYS A 214 -11.96 -7.71 -2.15
C LYS A 214 -13.01 -6.61 -2.00
N GLY A 215 -12.87 -5.56 -2.81
CA GLY A 215 -13.67 -4.35 -2.70
C GLY A 215 -13.19 -3.61 -1.47
N THR A 216 -14.07 -3.42 -0.47
CA THR A 216 -13.68 -2.77 0.81
C THR A 216 -13.37 -3.81 1.91
N LEU A 217 -13.39 -5.10 1.57
CA LEU A 217 -13.12 -6.16 2.55
C LEU A 217 -11.64 -6.53 2.54
N ALA A 218 -10.98 -6.48 3.70
CA ALA A 218 -9.58 -6.90 3.85
C ALA A 218 -9.56 -8.42 4.08
N GLU A 219 -8.64 -9.13 3.44
CA GLU A 219 -8.51 -10.58 3.58
C GLU A 219 -7.08 -10.89 3.93
N VAL A 220 -6.92 -11.80 4.90
CA VAL A 220 -5.60 -12.17 5.44
C VAL A 220 -5.32 -13.64 5.12
N ARG A 221 -4.25 -13.88 4.32
CA ARG A 221 -3.91 -15.24 3.91
C ARG A 221 -2.48 -15.60 4.23
N ALA A 222 -2.25 -16.87 4.59
CA ALA A 222 -0.93 -17.39 4.93
C ALA A 222 -0.05 -17.53 3.67
N VAL A 223 1.19 -17.08 3.77
CA VAL A 223 2.20 -17.16 2.72
C VAL A 223 3.35 -18.06 3.21
N GLN A 224 3.19 -18.60 4.42
CA GLN A 224 4.07 -19.54 5.12
C GLN A 224 3.15 -20.37 6.00
N GLU A 225 3.58 -21.57 6.35
CA GLU A 225 2.83 -22.43 7.25
C GLU A 225 2.85 -21.77 8.64
N ILE A 226 1.69 -21.72 9.29
CA ILE A 226 1.56 -21.13 10.64
C ILE A 226 1.09 -22.24 11.57
N LYS A 227 1.81 -22.45 12.67
CA LYS A 227 1.46 -23.48 13.65
C LYS A 227 0.84 -22.86 14.92
N PRO A 228 0.06 -23.64 15.75
CA PRO A 228 -0.49 -23.05 16.99
C PRO A 228 0.60 -22.50 17.90
N GLY A 229 0.31 -21.35 18.51
CA GLY A 229 1.26 -20.65 19.38
C GLY A 229 2.09 -19.60 18.68
N GLU A 230 2.23 -19.72 17.34
CA GLU A 230 3.01 -18.79 16.51
C GLU A 230 2.29 -17.46 16.29
N GLU A 231 3.04 -16.35 16.41
CA GLU A 231 2.52 -15.02 16.15
C GLU A 231 2.31 -14.84 14.63
N VAL A 232 1.21 -14.17 14.26
CA VAL A 232 0.96 -13.93 12.84
C VAL A 232 1.48 -12.51 12.49
N PHE A 233 2.40 -12.46 11.52
CA PHE A 233 3.08 -11.26 11.08
C PHE A 233 2.79 -10.92 9.64
N THR A 234 2.62 -9.63 9.39
CA THR A 234 2.43 -9.10 8.05
C THR A 234 3.58 -8.09 7.84
N SER A 235 3.85 -7.68 6.59
CA SER A 235 4.88 -6.66 6.34
C SER A 235 4.18 -5.30 6.22
N TYR A 236 4.71 -4.28 6.89
CA TYR A 236 4.17 -2.92 6.88
C TYR A 236 4.76 -2.12 5.74
N ILE A 237 5.85 -2.60 5.17
CA ILE A 237 6.60 -1.82 4.19
C ILE A 237 7.00 -2.63 2.95
N ASP A 238 7.64 -1.91 2.00
CA ASP A 238 8.22 -2.46 0.77
C ASP A 238 9.50 -3.18 1.16
N LEU A 239 9.53 -4.50 0.93
CA LEU A 239 10.63 -5.39 1.29
C LEU A 239 11.77 -5.48 0.28
N LEU A 240 11.79 -4.61 -0.75
CA LEU A 240 12.88 -4.61 -1.73
C LEU A 240 14.21 -4.15 -1.13
N TYR A 241 14.14 -3.14 -0.27
CA TYR A 241 15.28 -2.41 0.25
C TYR A 241 16.09 -3.12 1.32
N PRO A 242 17.41 -2.77 1.46
CA PRO A 242 18.24 -3.40 2.51
C PRO A 242 17.75 -3.02 3.92
N THR A 243 18.28 -3.72 4.94
CA THR A 243 17.91 -3.66 6.36
C THR A 243 17.85 -2.21 6.91
N GLU A 244 18.92 -1.43 6.74
CA GLU A 244 18.99 -0.06 7.22
C GLU A 244 17.84 0.81 6.67
N ASP A 245 17.56 0.71 5.35
CA ASP A 245 16.49 1.45 4.68
C ASP A 245 15.10 1.05 5.21
N ARG A 246 14.88 -0.25 5.47
CA ARG A 246 13.61 -0.78 5.99
C ARG A 246 13.33 -0.23 7.39
N ASN A 247 14.34 -0.30 8.27
CA ASN A 247 14.28 0.15 9.66
C ASN A 247 14.23 1.67 9.80
N ASP A 248 14.77 2.42 8.81
CA ASP A 248 14.67 3.88 8.80
C ASP A 248 13.19 4.25 8.56
N ARG A 249 12.54 3.54 7.61
CA ARG A 249 11.12 3.73 7.27
C ARG A 249 10.24 3.28 8.46
N LEU A 250 10.57 2.11 9.06
CA LEU A 250 9.83 1.57 10.20
C LEU A 250 9.90 2.48 11.41
N ARG A 251 11.10 3.03 11.72
CA ARG A 251 11.29 3.98 12.83
C ARG A 251 10.54 5.28 12.57
N ASP A 252 10.61 5.80 11.34
CA ASP A 252 9.97 7.04 10.98
C ASP A 252 8.45 6.98 10.96
N SER A 253 7.87 5.97 10.28
CA SER A 253 6.40 5.90 10.19
C SER A 253 5.74 5.12 11.34
N TYR A 254 6.46 4.14 11.95
CA TYR A 254 5.87 3.25 12.95
C TYR A 254 6.58 3.22 14.29
N PHE A 255 7.61 4.04 14.49
CA PHE A 255 8.29 4.24 15.77
C PHE A 255 8.90 2.97 16.39
N PHE A 256 9.36 2.03 15.56
CA PHE A 256 10.01 0.83 16.10
C PHE A 256 11.12 0.34 15.18
N THR A 257 12.03 -0.47 15.73
CA THR A 257 13.07 -1.14 14.97
C THR A 257 12.71 -2.63 14.96
N CYS A 258 12.73 -3.24 13.77
CA CYS A 258 12.45 -4.64 13.56
C CYS A 258 13.64 -5.48 13.95
N GLU A 259 13.39 -6.67 14.51
CA GLU A 259 14.42 -7.63 14.91
C GLU A 259 14.14 -9.01 14.32
N CYS A 260 13.42 -9.07 13.21
CA CYS A 260 13.11 -10.32 12.52
C CYS A 260 14.37 -11.00 11.95
N GLN A 261 14.26 -12.27 11.51
CA GLN A 261 15.41 -13.00 10.99
C GLN A 261 16.14 -12.24 9.91
N GLU A 262 15.41 -11.62 8.99
CA GLU A 262 16.00 -10.82 7.91
C GLU A 262 16.83 -9.61 8.40
N CYS A 263 16.33 -8.88 9.40
CA CYS A 263 17.02 -7.71 9.94
C CYS A 263 18.24 -8.10 10.81
N THR A 264 18.15 -9.28 11.49
CA THR A 264 19.21 -9.81 12.36
C THR A 264 20.35 -10.39 11.51
N THR A 265 20.01 -11.28 10.58
CA THR A 265 20.98 -11.94 9.70
C THR A 265 21.50 -11.03 8.57
N LYS A 266 20.62 -10.12 8.04
CA LYS A 266 20.89 -9.19 6.92
C LYS A 266 21.29 -9.96 5.65
N ASP A 267 20.84 -11.22 5.52
CA ASP A 267 21.19 -12.16 4.44
C ASP A 267 21.07 -11.62 3.03
N LYS A 268 19.99 -10.89 2.74
CA LYS A 268 19.72 -10.36 1.41
C LYS A 268 20.41 -9.02 1.12
N ASP A 269 21.00 -8.37 2.15
CA ASP A 269 21.64 -7.05 2.00
C ASP A 269 22.75 -6.97 0.94
N LYS A 270 23.62 -8.00 0.88
CA LYS A 270 24.74 -8.10 -0.06
C LYS A 270 24.27 -8.01 -1.53
N ALA A 271 23.38 -8.94 -1.97
CA ALA A 271 22.82 -8.94 -3.32
C ALA A 271 21.96 -7.70 -3.61
N LYS A 272 21.19 -7.19 -2.61
CA LYS A 272 20.35 -6.00 -2.77
C LYS A 272 21.20 -4.77 -3.16
N VAL A 273 22.41 -4.65 -2.57
CA VAL A 273 23.34 -3.56 -2.88
C VAL A 273 24.55 -4.13 -3.64
N GLU A 274 24.28 -5.00 -4.64
CA GLU A 274 25.32 -5.63 -5.45
C GLU A 274 26.19 -4.64 -6.20
N ILE A 275 27.49 -4.85 -6.07
CA ILE A 275 28.54 -4.01 -6.64
C ILE A 275 29.12 -4.67 -7.88
N ARG A 276 29.46 -3.86 -8.90
CA ARG A 276 30.07 -4.31 -10.15
C ARG A 276 31.43 -4.97 -9.84
N LYS A 277 31.64 -6.21 -10.34
CA LYS A 277 32.88 -6.98 -10.14
C LYS A 277 33.84 -6.56 -11.26
N LEU A 278 34.78 -5.65 -10.96
CA LEU A 278 35.72 -5.15 -11.99
C LEU A 278 37.18 -5.04 -11.53
N SER A 279 38.12 -4.86 -12.50
CA SER A 279 39.56 -4.66 -12.27
C SER A 279 39.69 -3.39 -11.43
N ASP A 280 40.28 -3.53 -10.23
CA ASP A 280 40.38 -2.52 -9.16
C ASP A 280 38.93 -2.29 -8.68
N PRO A 281 38.41 -3.18 -7.80
CA PRO A 281 37.02 -3.05 -7.34
C PRO A 281 36.74 -1.73 -6.62
N PRO A 282 35.48 -1.22 -6.63
CA PRO A 282 35.21 0.04 -5.94
C PRO A 282 35.46 -0.06 -4.44
N LYS A 283 36.13 0.97 -3.89
CA LYS A 283 36.48 1.07 -2.47
C LYS A 283 35.23 1.21 -1.61
N ALA A 284 35.30 0.83 -0.31
CA ALA A 284 34.21 0.93 0.66
C ALA A 284 33.63 2.35 0.70
N GLU A 285 34.52 3.38 0.66
CA GLU A 285 34.12 4.79 0.65
C GLU A 285 33.39 5.18 -0.65
N ALA A 286 33.75 4.53 -1.79
CA ALA A 286 33.09 4.77 -3.07
C ALA A 286 31.65 4.18 -3.04
N ILE A 287 31.47 3.03 -2.32
CA ILE A 287 30.17 2.35 -2.14
C ILE A 287 29.25 3.24 -1.29
N ARG A 288 29.71 3.65 -0.07
CA ARG A 288 28.93 4.48 0.87
C ARG A 288 28.48 5.80 0.24
N ASP A 289 29.33 6.37 -0.66
CA ASP A 289 29.05 7.60 -1.41
C ASP A 289 27.92 7.38 -2.43
N MET A 290 28.00 6.30 -3.22
CA MET A 290 27.00 5.92 -4.22
C MET A 290 25.64 5.63 -3.58
N VAL A 291 25.64 5.00 -2.38
CA VAL A 291 24.43 4.69 -1.59
C VAL A 291 23.78 6.00 -1.12
N ARG A 292 24.60 6.95 -0.61
CA ARG A 292 24.16 8.28 -0.17
C ARG A 292 23.52 9.03 -1.36
N TYR A 293 24.17 8.96 -2.56
CA TYR A 293 23.67 9.55 -3.80
C TYR A 293 22.30 8.95 -4.14
N ALA A 294 22.23 7.59 -4.18
CA ALA A 294 21.06 6.78 -4.50
C ALA A 294 19.84 7.17 -3.66
N ARG A 295 19.98 7.26 -2.34
CA ARG A 295 18.91 7.66 -1.43
C ARG A 295 18.47 9.09 -1.67
N ASN A 296 19.40 9.97 -2.09
CA ASN A 296 19.10 11.38 -2.40
C ASN A 296 18.35 11.54 -3.73
N VAL A 297 18.67 10.72 -4.78
CA VAL A 297 17.96 10.81 -6.07
C VAL A 297 16.55 10.28 -5.94
N ILE A 298 16.35 9.28 -5.06
CA ILE A 298 15.03 8.70 -4.77
C ILE A 298 14.13 9.83 -4.25
N GLU A 299 14.63 10.60 -3.25
CA GLU A 299 13.93 11.73 -2.65
C GLU A 299 13.69 12.85 -3.66
N GLU A 300 14.74 13.18 -4.45
CA GLU A 300 14.74 14.19 -5.51
C GLU A 300 13.62 13.90 -6.52
N PHE A 301 13.57 12.64 -7.03
CA PHE A 301 12.58 12.18 -8.01
C PHE A 301 11.17 12.27 -7.46
N ARG A 302 10.97 11.79 -6.20
CA ARG A 302 9.70 11.81 -5.49
C ARG A 302 9.11 13.23 -5.50
N ARG A 303 9.94 14.26 -5.22
CA ARG A 303 9.53 15.67 -5.23
C ARG A 303 9.26 16.13 -6.67
N ALA A 304 10.18 15.79 -7.61
CA ALA A 304 10.14 16.15 -9.02
C ALA A 304 8.91 15.71 -9.78
N LYS A 305 8.33 14.52 -9.49
CA LYS A 305 7.15 14.04 -10.25
C LYS A 305 5.93 14.97 -10.16
N HIS A 306 5.80 15.73 -9.06
CA HIS A 306 4.70 16.67 -8.84
C HIS A 306 4.70 17.86 -9.80
N TYR A 307 5.89 18.32 -10.26
CA TYR A 307 5.98 19.51 -11.11
C TYR A 307 6.82 19.38 -12.41
N LYS A 308 7.71 18.36 -12.52
CA LYS A 308 8.54 18.20 -13.73
C LYS A 308 7.80 17.46 -14.87
N SER A 309 8.20 17.74 -16.14
CA SER A 309 7.63 17.13 -17.36
C SER A 309 7.99 15.62 -17.46
N PRO A 310 7.24 14.77 -18.23
CA PRO A 310 7.58 13.33 -18.28
C PRO A 310 8.96 13.04 -18.86
N SER A 311 9.46 13.89 -19.77
CA SER A 311 10.78 13.77 -20.37
C SER A 311 11.88 14.14 -19.36
N GLU A 312 11.59 15.10 -18.45
CA GLU A 312 12.50 15.56 -17.39
C GLU A 312 12.62 14.47 -16.34
N LEU A 313 11.51 13.78 -16.07
CA LEU A 313 11.41 12.69 -15.10
C LEU A 313 12.23 11.47 -15.55
N LEU A 314 12.11 11.10 -16.85
CA LEU A 314 12.86 10.02 -17.48
C LEU A 314 14.35 10.35 -17.50
N GLU A 315 14.69 11.65 -17.72
CA GLU A 315 16.05 12.19 -17.74
C GLU A 315 16.75 11.91 -16.40
N ILE A 316 16.05 12.17 -15.27
CA ILE A 316 16.55 11.91 -13.92
C ILE A 316 16.85 10.41 -13.73
N CYS A 317 15.91 9.53 -14.17
CA CYS A 317 16.04 8.07 -14.12
C CYS A 317 17.26 7.61 -14.89
N GLU A 318 17.34 7.99 -16.17
CA GLU A 318 18.41 7.63 -17.09
C GLU A 318 19.79 8.09 -16.62
N LEU A 319 19.90 9.35 -16.15
CA LEU A 319 21.17 9.93 -15.68
C LEU A 319 21.65 9.35 -14.35
N SER A 320 20.72 9.15 -13.37
CA SER A 320 21.06 8.57 -12.07
C SER A 320 21.51 7.10 -12.25
N GLN A 321 20.85 6.34 -13.16
CA GLN A 321 21.22 4.96 -13.48
C GLN A 321 22.62 4.93 -14.09
N GLU A 322 22.93 5.88 -14.99
CA GLU A 322 24.23 6.01 -15.62
C GLU A 322 25.32 6.22 -14.58
N LYS A 323 25.15 7.21 -13.68
CA LYS A 323 26.10 7.49 -12.59
C LYS A 323 26.25 6.28 -11.66
N MET A 324 25.13 5.65 -11.23
CA MET A 324 25.14 4.49 -10.35
C MET A 324 25.79 3.23 -10.95
N SER A 325 25.56 2.96 -12.26
CA SER A 325 26.10 1.78 -12.97
C SER A 325 27.62 1.67 -12.97
N SER A 326 28.35 2.75 -12.60
CA SER A 326 29.81 2.72 -12.50
C SER A 326 30.24 1.85 -11.31
N VAL A 327 29.44 1.88 -10.21
CA VAL A 327 29.66 1.15 -8.96
C VAL A 327 28.66 -0.03 -8.80
N PHE A 328 27.36 0.22 -9.09
CA PHE A 328 26.25 -0.72 -8.92
C PHE A 328 25.97 -1.61 -10.13
N GLU A 329 25.55 -2.84 -9.86
CA GLU A 329 25.10 -3.87 -10.80
C GLU A 329 23.64 -3.52 -11.14
N ASP A 330 23.09 -4.05 -12.26
CA ASP A 330 21.71 -3.75 -12.66
C ASP A 330 20.66 -4.34 -11.72
N SER A 331 21.00 -5.45 -11.05
CA SER A 331 20.14 -6.15 -10.08
C SER A 331 20.09 -5.42 -8.72
N ASN A 332 20.99 -4.41 -8.52
CA ASN A 332 21.05 -3.57 -7.31
C ASN A 332 19.71 -2.82 -7.18
N VAL A 333 19.13 -2.84 -5.95
CA VAL A 333 17.81 -2.25 -5.65
C VAL A 333 17.72 -0.74 -5.97
N TYR A 334 18.84 0.01 -5.93
CA TYR A 334 18.81 1.44 -6.25
C TYR A 334 18.66 1.67 -7.75
N MET A 335 19.22 0.77 -8.57
CA MET A 335 19.07 0.78 -10.03
C MET A 335 17.60 0.45 -10.33
N LEU A 336 17.10 -0.64 -9.70
CA LEU A 336 15.73 -1.16 -9.77
C LEU A 336 14.67 -0.09 -9.50
N HIS A 337 14.85 0.70 -8.44
CA HIS A 337 13.93 1.76 -8.06
C HIS A 337 13.78 2.77 -9.20
N MET A 338 14.91 3.25 -9.75
CA MET A 338 14.92 4.20 -10.85
C MET A 338 14.29 3.63 -12.13
N MET A 339 14.56 2.35 -12.43
CA MET A 339 13.97 1.62 -13.57
C MET A 339 12.43 1.49 -13.41
N TYR A 340 11.97 1.22 -12.17
CA TYR A 340 10.55 1.08 -11.82
C TYR A 340 9.87 2.45 -11.97
N GLN A 341 10.53 3.54 -11.50
CA GLN A 341 10.03 4.91 -11.66
C GLN A 341 9.97 5.31 -13.12
N ALA A 342 10.98 4.90 -13.93
CA ALA A 342 11.03 5.15 -15.37
C ALA A 342 9.92 4.39 -16.11
N MET A 343 9.63 3.15 -15.67
CA MET A 343 8.56 2.31 -16.21
C MET A 343 7.20 3.00 -16.00
N GLY A 344 6.96 3.55 -14.81
CA GLY A 344 5.76 4.29 -14.45
C GLY A 344 5.53 5.52 -15.31
N VAL A 345 6.62 6.25 -15.65
CA VAL A 345 6.57 7.43 -16.52
C VAL A 345 6.16 6.98 -17.94
N CYS A 346 6.73 5.85 -18.43
CA CYS A 346 6.36 5.30 -19.75
C CYS A 346 4.89 4.89 -19.82
N LEU A 347 4.39 4.21 -18.77
CA LEU A 347 2.99 3.75 -18.68
C LEU A 347 2.03 4.93 -18.77
N TYR A 348 2.32 6.03 -18.02
CA TYR A 348 1.53 7.24 -18.03
C TYR A 348 1.53 7.87 -19.43
N MET A 349 2.71 7.90 -20.08
CA MET A 349 2.91 8.42 -21.43
C MET A 349 2.32 7.52 -22.50
N GLN A 350 1.86 6.31 -22.10
CA GLN A 350 1.29 5.28 -22.99
C GLN A 350 2.34 4.78 -24.01
N ASP A 351 3.63 4.85 -23.62
CA ASP A 351 4.77 4.33 -24.34
C ASP A 351 4.91 2.89 -23.81
N TRP A 352 4.08 2.00 -24.37
CA TRP A 352 4.01 0.58 -23.98
C TRP A 352 5.33 -0.16 -24.23
N GLU A 353 6.04 0.18 -25.33
CA GLU A 353 7.33 -0.42 -25.67
C GLU A 353 8.40 -0.08 -24.64
N GLY A 354 8.45 1.20 -24.24
CA GLY A 354 9.37 1.73 -23.25
C GLY A 354 9.14 1.10 -21.89
N ALA A 355 7.85 0.99 -21.48
CA ALA A 355 7.43 0.37 -20.22
C ALA A 355 7.87 -1.10 -20.19
N LEU A 356 7.66 -1.81 -21.31
CA LEU A 356 8.01 -3.23 -21.44
C LEU A 356 9.52 -3.47 -21.28
N GLN A 357 10.38 -2.64 -21.92
CA GLN A 357 11.82 -2.86 -21.81
C GLN A 357 12.35 -2.63 -20.38
N TYR A 358 11.71 -1.72 -19.61
CA TYR A 358 12.07 -1.50 -18.21
C TYR A 358 11.63 -2.68 -17.35
N GLY A 359 10.37 -3.10 -17.52
CA GLY A 359 9.79 -4.22 -16.80
C GLY A 359 10.56 -5.52 -16.96
N GLN A 360 11.07 -5.77 -18.17
CA GLN A 360 11.86 -6.96 -18.50
C GLN A 360 13.17 -7.01 -17.71
N LYS A 361 13.78 -5.84 -17.40
CA LYS A 361 15.01 -5.72 -16.62
C LYS A 361 14.73 -5.80 -15.12
N ILE A 362 13.49 -5.59 -14.71
CA ILE A 362 13.11 -5.53 -13.30
C ILE A 362 12.69 -6.89 -12.71
N ILE A 363 11.95 -7.70 -13.48
CA ILE A 363 11.29 -8.92 -13.02
C ILE A 363 12.24 -9.98 -12.40
N LYS A 364 13.38 -10.33 -13.04
CA LYS A 364 14.25 -11.37 -12.46
C LYS A 364 14.84 -10.91 -11.11
N PRO A 365 15.49 -9.71 -11.00
CA PRO A 365 15.98 -9.25 -9.67
C PRO A 365 14.88 -9.12 -8.60
N TYR A 366 13.65 -8.71 -9.01
CA TYR A 366 12.50 -8.60 -8.10
C TYR A 366 12.24 -9.92 -7.40
N SER A 367 12.14 -11.03 -8.18
CA SER A 367 11.93 -12.41 -7.69
C SER A 367 13.02 -12.83 -6.71
N LYS A 368 14.26 -12.43 -6.99
CA LYS A 368 15.43 -12.71 -6.16
C LYS A 368 15.38 -11.95 -4.80
N HIS A 369 14.97 -10.66 -4.81
CA HIS A 369 14.97 -9.81 -3.61
C HIS A 369 13.72 -9.88 -2.71
N TYR A 370 12.55 -10.19 -3.27
CA TYR A 370 11.30 -10.25 -2.53
C TYR A 370 11.03 -11.65 -1.97
N PRO A 371 10.16 -11.82 -0.93
CA PRO A 371 9.86 -13.18 -0.43
C PRO A 371 9.11 -14.04 -1.45
N LEU A 372 9.05 -15.37 -1.22
CA LEU A 372 8.42 -16.37 -2.10
C LEU A 372 7.07 -15.89 -2.69
N TYR A 373 6.15 -15.40 -1.87
CA TYR A 373 4.88 -14.88 -2.37
C TYR A 373 4.91 -13.40 -2.06
N SER A 374 4.85 -12.60 -3.09
CA SER A 374 4.99 -11.16 -2.97
C SER A 374 4.03 -10.45 -3.92
N LEU A 375 3.29 -9.45 -3.40
CA LEU A 375 2.36 -8.65 -4.22
C LEU A 375 3.09 -7.82 -5.25
N ASN A 376 4.31 -7.37 -4.91
CA ASN A 376 5.16 -6.58 -5.80
C ASN A 376 5.62 -7.40 -6.98
N VAL A 377 6.02 -8.68 -6.76
CA VAL A 377 6.45 -9.49 -7.91
C VAL A 377 5.20 -9.96 -8.70
N ALA A 378 4.06 -10.24 -8.04
CA ALA A 378 2.82 -10.62 -8.73
C ALA A 378 2.36 -9.52 -9.70
N SER A 379 2.36 -8.28 -9.20
CA SER A 379 1.95 -7.05 -9.89
C SER A 379 2.86 -6.72 -11.08
N MET A 380 4.17 -6.99 -10.91
CA MET A 380 5.16 -6.77 -11.96
C MET A 380 4.94 -7.80 -13.09
N TRP A 381 4.65 -9.08 -12.74
CA TRP A 381 4.34 -10.09 -13.76
C TRP A 381 3.08 -9.71 -14.54
N LEU A 382 2.06 -9.22 -13.81
CA LEU A 382 0.77 -8.79 -14.36
C LEU A 382 0.95 -7.63 -15.35
N LYS A 383 1.69 -6.58 -14.95
CA LYS A 383 2.00 -5.42 -15.79
C LYS A 383 2.70 -5.87 -17.08
N LEU A 384 3.73 -6.73 -16.93
CA LEU A 384 4.51 -7.34 -18.01
C LEU A 384 3.61 -8.14 -18.97
N GLY A 385 2.70 -8.95 -18.42
CA GLY A 385 1.76 -9.75 -19.20
C GLY A 385 0.82 -8.91 -20.05
N ARG A 386 0.23 -7.88 -19.43
CA ARG A 386 -0.68 -6.95 -20.08
C ARG A 386 -0.01 -6.12 -21.17
N LEU A 387 1.28 -5.77 -20.97
CA LEU A 387 2.14 -5.05 -21.94
C LEU A 387 2.36 -5.96 -23.14
N TYR A 388 2.79 -7.24 -22.91
CA TYR A 388 3.01 -8.21 -24.00
C TYR A 388 1.72 -8.41 -24.78
N MET A 389 0.59 -8.70 -24.07
CA MET A 389 -0.73 -8.89 -24.65
C MET A 389 -1.15 -7.71 -25.52
N GLY A 390 -0.98 -6.50 -24.98
CA GLY A 390 -1.29 -5.26 -25.69
C GLY A 390 -0.47 -5.04 -26.95
N LEU A 391 0.82 -5.46 -26.93
CA LEU A 391 1.78 -5.33 -28.03
C LEU A 391 1.81 -6.57 -28.96
N GLU A 392 0.74 -7.38 -28.92
CA GLU A 392 0.50 -8.58 -29.75
C GLU A 392 1.44 -9.77 -29.46
N HIS A 393 2.25 -9.71 -28.37
CA HIS A 393 3.16 -10.82 -28.01
C HIS A 393 2.41 -11.75 -27.02
N LYS A 394 1.43 -12.49 -27.56
CA LYS A 394 0.49 -13.37 -26.84
C LYS A 394 1.13 -14.52 -26.03
N ALA A 395 2.12 -15.25 -26.59
CA ALA A 395 2.74 -16.37 -25.86
C ALA A 395 3.52 -15.87 -24.63
N ALA A 396 4.31 -14.78 -24.79
CA ALA A 396 5.06 -14.15 -23.69
C ALA A 396 4.09 -13.57 -22.65
N GLY A 397 2.96 -13.03 -23.15
CA GLY A 397 1.89 -12.46 -22.34
C GLY A 397 1.19 -13.49 -21.48
N GLU A 398 0.77 -14.61 -22.09
CA GLU A 398 0.10 -15.70 -21.37
C GLU A 398 1.00 -16.27 -20.27
N LYS A 399 2.31 -16.41 -20.57
CA LYS A 399 3.34 -16.90 -19.65
C LYS A 399 3.45 -15.95 -18.44
N ALA A 400 3.53 -14.61 -18.69
CA ALA A 400 3.63 -13.64 -17.58
C ALA A 400 2.33 -13.55 -16.77
N LEU A 401 1.17 -13.64 -17.44
CA LEU A 401 -0.15 -13.60 -16.78
C LEU A 401 -0.36 -14.77 -15.85
N LYS A 402 0.13 -15.96 -16.25
CA LYS A 402 0.06 -17.21 -15.47
C LYS A 402 1.01 -17.18 -14.27
N LYS A 403 2.19 -16.55 -14.42
CA LYS A 403 3.15 -16.34 -13.34
C LYS A 403 2.51 -15.47 -12.26
N ALA A 404 1.78 -14.41 -12.67
CA ALA A 404 1.07 -13.52 -11.76
C ALA A 404 -0.05 -14.26 -11.02
N ILE A 405 -0.85 -15.08 -11.74
CA ILE A 405 -1.94 -15.90 -11.17
C ILE A 405 -1.45 -16.88 -10.09
N ALA A 406 -0.29 -17.52 -10.32
CA ALA A 406 0.32 -18.50 -9.41
C ALA A 406 0.57 -17.89 -8.01
N ILE A 407 1.05 -16.63 -7.97
CA ILE A 407 1.27 -15.91 -6.70
C ILE A 407 -0.08 -15.43 -6.15
N MET A 408 -0.96 -14.88 -7.03
CA MET A 408 -2.26 -14.33 -6.62
C MET A 408 -3.20 -15.38 -6.02
N GLU A 409 -3.15 -16.60 -6.52
CA GLU A 409 -3.98 -17.68 -5.97
C GLU A 409 -3.69 -17.93 -4.49
N VAL A 410 -2.41 -17.78 -4.08
CA VAL A 410 -1.97 -17.90 -2.69
C VAL A 410 -2.40 -16.65 -1.91
N ALA A 411 -2.04 -15.44 -2.41
CA ALA A 411 -2.29 -14.17 -1.72
C ALA A 411 -3.74 -13.67 -1.74
N HIS A 412 -4.42 -13.66 -2.90
CA HIS A 412 -5.79 -13.16 -3.06
C HIS A 412 -6.86 -14.25 -2.94
N GLY A 413 -6.45 -15.53 -2.98
CA GLY A 413 -7.37 -16.66 -3.00
C GLY A 413 -7.69 -17.04 -4.44
N LYS A 414 -7.91 -18.34 -4.68
CA LYS A 414 -8.17 -18.90 -6.02
C LYS A 414 -9.39 -18.29 -6.76
N ASP A 415 -10.43 -17.96 -5.99
CA ASP A 415 -11.73 -17.44 -6.43
C ASP A 415 -11.78 -15.91 -6.52
N HIS A 416 -10.62 -15.23 -6.39
CA HIS A 416 -10.61 -13.76 -6.41
C HIS A 416 -11.06 -13.18 -7.74
N PRO A 417 -11.97 -12.16 -7.74
CA PRO A 417 -12.39 -11.53 -9.01
C PRO A 417 -11.23 -11.01 -9.88
N TYR A 418 -10.06 -10.60 -9.29
CA TYR A 418 -8.91 -10.16 -10.10
C TYR A 418 -8.36 -11.30 -10.98
N ILE A 419 -8.36 -12.53 -10.46
CA ILE A 419 -7.90 -13.75 -11.16
C ILE A 419 -8.88 -14.12 -12.28
N SER A 420 -10.22 -14.04 -12.03
CA SER A 420 -11.26 -14.31 -13.04
C SER A 420 -11.10 -13.33 -14.20
N GLU A 421 -10.74 -12.07 -13.90
CA GLU A 421 -10.49 -11.03 -14.90
C GLU A 421 -9.26 -11.36 -15.77
N ILE A 422 -8.12 -11.75 -15.12
CA ILE A 422 -6.86 -12.07 -15.81
C ILE A 422 -7.06 -13.28 -16.71
N LYS A 423 -7.83 -14.29 -16.22
CA LYS A 423 -8.16 -15.50 -16.96
C LYS A 423 -9.02 -15.14 -18.19
N GLN A 424 -9.93 -14.14 -18.06
CA GLN A 424 -10.73 -13.63 -19.19
C GLN A 424 -9.83 -12.94 -20.22
N GLU A 425 -8.72 -12.31 -19.75
CA GLU A 425 -7.72 -11.64 -20.60
C GLU A 425 -6.92 -12.68 -21.40
N ILE A 426 -6.62 -13.86 -20.77
CA ILE A 426 -5.93 -14.97 -21.43
C ILE A 426 -6.86 -15.58 -22.51
N GLU A 427 -8.17 -15.76 -22.18
CA GLU A 427 -9.24 -16.28 -23.05
C GLU A 427 -9.46 -15.43 -24.32
N SER A 428 -9.64 -14.10 -24.15
CA SER A 428 -9.87 -13.14 -25.23
C SER A 428 -8.73 -13.06 -26.28
N HIS A 429 -7.46 -12.99 -25.81
CA HIS A 429 -6.29 -12.90 -26.70
C HIS A 429 -5.13 -13.82 -26.28
#